data_1MM8
#
_entry.id   1MM8
#
_cell.length_a   112.500
_cell.length_b   112.500
_cell.length_c   233.500
_cell.angle_alpha   90.00
_cell.angle_beta   90.00
_cell.angle_gamma   120.00
#
_symmetry.space_group_name_H-M   'P 65 2 2'
#
loop_
_entity.id
_entity.type
_entity.pdbx_description
1 polymer 'ME DNA transferred strand'
2 polymer 'ME DNA non-transferred strand'
3 polymer 'Tn5 Transposase'
4 non-polymer 'MANGANESE (II) ION'
5 water water
#
loop_
_entity_poly.entity_id
_entity_poly.type
_entity_poly.pdbx_seq_one_letter_code
_entity_poly.pdbx_strand_id
1 'polydeoxyribonucleotide' (DG)(DA)(DG)(DA)(DT)(DG)(DT)(DG)(DT)(DA)(DT)(DA)(DA)(DG)(DA)(DG)(DA)(DC)(DA)(DG) B
2 'polydeoxyribonucleotide' (DC)(DT)(DG)(DT)(DC)(DT)(DC)(DT)(DT)(DA)(DT)(DA)(DC)(DA)(DC)(DA)(DT)(DC)(DT)(DC) C
3 'polypeptide(L)'
;MVTFMITSALHRAADWAKSVFSSAALGDPRRTARLVNVAAQLAKYSGKSITISSEGSKAAQEGAYRFIRNPNVSAEAIRK
AGAMQTVKLAQEFPELLAIEDTTSLSYRHQVAEELGKLGSIQDKSRGWWVHSVLLLEATTFRTVGLLHQEWWMRPDDPAD
ADEKESGKWLAAAATSRLRMGSMMSNVIAVCDREADIHAYLQDKLAHNERFVVRSKHPRKDVESGLYLYDHLKNQPELGG
YQISIPQKGVVDKRGKRKNRPARKASLSLRSGRITLKQGNITLNAVLAEEINPPKGETPLKWLLLTSEPVESLAQALRVI
DIYTHRWRIEEFHKAWKTGAGAERQRMEKPDNLERMVSILSFVAVRLLQLRESFTPPQALRAQGLLKEAEHVESQSAETV
LTPDECQLLGYLDKGKRKRKEKAGSLQWAYMAIARLGGFMDSKRTGIASWGALWEGWEALQSKLDGFLAAKDLMAQGIKI
G
;
A
#
# COMPACT_ATOMS: atom_id res chain seq x y z
N ALA C 9 -10.61 -21.54 5.90
CA ALA C 9 -10.02 -20.21 6.26
C ALA C 9 -8.71 -20.42 7.02
N LEU C 10 -8.17 -21.63 6.95
CA LEU C 10 -6.92 -21.94 7.64
C LEU C 10 -5.68 -21.48 6.88
N HIS C 11 -5.11 -22.39 6.10
CA HIS C 11 -3.92 -22.15 5.29
C HIS C 11 -4.22 -21.19 4.14
N ARG C 12 -4.79 -20.05 4.51
CA ARG C 12 -5.15 -19.01 3.58
C ARG C 12 -4.02 -18.87 2.56
N ALA C 13 -2.79 -18.66 3.05
CA ALA C 13 -1.63 -18.50 2.19
C ALA C 13 -1.77 -19.27 0.87
N ALA C 14 -2.02 -20.56 1.01
CA ALA C 14 -2.17 -21.45 -0.14
C ALA C 14 -3.31 -21.05 -1.06
N ASP C 15 -4.49 -20.81 -0.50
CA ASP C 15 -5.63 -20.41 -1.32
C ASP C 15 -5.37 -19.05 -1.91
N TRP C 16 -4.77 -18.20 -1.09
CA TRP C 16 -4.41 -16.84 -1.46
C TRP C 16 -3.57 -16.84 -2.72
N ALA C 17 -2.40 -17.45 -2.61
CA ALA C 17 -1.47 -17.53 -3.73
C ALA C 17 -2.18 -17.96 -4.99
N LYS C 18 -3.04 -18.96 -4.87
CA LYS C 18 -3.75 -19.45 -6.04
C LYS C 18 -4.64 -18.39 -6.68
N SER C 19 -5.46 -17.69 -5.88
CA SER C 19 -6.36 -16.67 -6.45
C SER C 19 -5.63 -15.50 -7.12
N VAL C 20 -4.41 -15.23 -6.67
CA VAL C 20 -3.60 -14.14 -7.20
C VAL C 20 -2.77 -14.45 -8.45
N PHE C 21 -2.09 -15.59 -8.46
CA PHE C 21 -1.22 -15.94 -9.58
C PHE C 21 -1.63 -17.08 -10.52
N SER C 22 -2.78 -17.71 -10.28
CA SER C 22 -3.25 -18.82 -11.13
C SER C 22 -3.43 -18.51 -12.60
N SER C 23 -3.54 -17.22 -12.92
CA SER C 23 -3.74 -16.80 -14.29
C SER C 23 -2.42 -16.39 -14.94
N ALA C 24 -1.35 -16.37 -14.12
CA ALA C 24 -0.02 -16.01 -14.61
C ALA C 24 0.30 -16.72 -15.91
N ALA C 25 0.55 -15.96 -16.96
CA ALA C 25 0.88 -16.56 -18.25
C ALA C 25 2.40 -16.59 -18.39
N LEU C 26 3.03 -17.49 -17.64
CA LEU C 26 4.46 -17.63 -17.66
C LEU C 26 4.97 -18.42 -18.87
N GLY C 27 4.08 -18.65 -19.82
CA GLY C 27 4.46 -19.39 -21.01
C GLY C 27 4.44 -20.90 -20.86
N ASP C 28 4.39 -21.37 -19.62
CA ASP C 28 4.33 -22.80 -19.36
C ASP C 28 3.60 -22.98 -18.04
N PRO C 29 2.57 -23.85 -18.04
CA PRO C 29 1.75 -24.14 -16.87
C PRO C 29 2.58 -24.55 -15.66
N ARG C 30 3.64 -25.33 -15.89
CA ARG C 30 4.47 -25.75 -14.77
C ARG C 30 5.05 -24.52 -14.08
N ARG C 31 5.48 -23.54 -14.87
CA ARG C 31 6.06 -22.31 -14.29
C ARG C 31 5.01 -21.60 -13.43
N THR C 32 3.81 -21.49 -13.99
CA THR C 32 2.70 -20.86 -13.29
C THR C 32 2.41 -21.58 -11.99
N ALA C 33 2.54 -22.89 -12.05
CA ALA C 33 2.28 -23.71 -10.88
C ALA C 33 3.32 -23.41 -9.82
N ARG C 34 4.59 -23.56 -10.18
CA ARG C 34 5.64 -23.29 -9.23
C ARG C 34 5.46 -21.89 -8.64
N LEU C 35 5.09 -20.92 -9.49
CA LEU C 35 4.86 -19.56 -9.01
C LEU C 35 3.89 -19.57 -7.83
N VAL C 36 2.77 -20.25 -8.01
CA VAL C 36 1.78 -20.33 -6.93
C VAL C 36 2.31 -21.00 -5.67
N ASN C 37 3.15 -22.02 -5.80
CA ASN C 37 3.65 -22.63 -4.57
C ASN C 37 4.65 -21.75 -3.90
N VAL C 38 5.54 -21.16 -4.69
CA VAL C 38 6.54 -20.26 -4.12
C VAL C 38 5.86 -19.17 -3.31
N ALA C 39 4.85 -18.55 -3.92
CA ALA C 39 4.08 -17.49 -3.27
C ALA C 39 3.49 -17.97 -1.97
N ALA C 40 2.79 -19.10 -2.03
CA ALA C 40 2.17 -19.65 -0.83
C ALA C 40 3.12 -19.81 0.33
N GLN C 41 4.33 -20.34 0.08
CA GLN C 41 5.24 -20.50 1.22
C GLN C 41 5.78 -19.17 1.73
N LEU C 42 6.01 -18.25 0.79
CA LEU C 42 6.50 -16.92 1.16
C LEU C 42 5.40 -16.23 2.01
N ALA C 43 4.16 -16.26 1.52
CA ALA C 43 3.05 -15.67 2.24
C ALA C 43 2.87 -16.29 3.60
N LYS C 44 3.14 -17.58 3.73
CA LYS C 44 2.98 -18.26 5.01
C LYS C 44 4.09 -17.85 5.95
N TYR C 45 5.28 -17.63 5.39
CA TYR C 45 6.42 -17.21 6.20
C TYR C 45 6.83 -15.80 5.82
N SER C 46 5.86 -14.89 5.85
CA SER C 46 6.11 -13.52 5.51
C SER C 46 7.40 -12.95 6.10
N GLY C 47 8.16 -12.24 5.26
CA GLY C 47 9.42 -11.62 5.66
C GLY C 47 10.53 -12.59 6.08
N LYS C 48 10.46 -13.82 5.60
CA LYS C 48 11.44 -14.84 5.92
C LYS C 48 12.09 -15.32 4.64
N SER C 49 13.29 -15.87 4.79
CA SER C 49 14.07 -16.38 3.66
C SER C 49 13.40 -17.56 2.99
N ILE C 50 13.67 -17.72 1.70
CA ILE C 50 13.12 -18.82 0.97
C ILE C 50 13.35 -20.12 1.73
N THR C 51 14.58 -20.32 2.19
CA THR C 51 14.92 -21.53 2.93
C THR C 51 13.86 -21.84 3.99
N ILE C 52 13.72 -20.96 4.98
CA ILE C 52 12.74 -21.16 6.05
C ILE C 52 11.34 -21.46 5.52
N SER C 53 10.93 -20.75 4.48
CA SER C 53 9.61 -20.99 3.95
C SER C 53 9.49 -22.37 3.33
N SER C 54 10.62 -23.04 3.15
CA SER C 54 10.59 -24.38 2.54
C SER C 54 10.26 -25.49 3.52
N GLU C 55 10.33 -25.21 4.81
CA GLU C 55 9.99 -26.20 5.82
C GLU C 55 10.81 -27.47 5.63
N GLY C 56 12.15 -27.33 5.61
CA GLY C 56 13.02 -28.48 5.43
C GLY C 56 12.83 -29.22 4.12
N SER C 57 12.02 -28.65 3.22
CA SER C 57 11.74 -29.31 1.97
C SER C 57 12.72 -29.05 0.82
N LYS C 58 13.74 -29.90 0.69
CA LYS C 58 14.73 -29.71 -0.38
C LYS C 58 14.11 -29.50 -1.76
N ALA C 59 13.19 -30.38 -2.15
CA ALA C 59 12.57 -30.24 -3.46
C ALA C 59 11.86 -28.91 -3.61
N ALA C 60 11.47 -28.30 -2.49
CA ALA C 60 10.79 -27.02 -2.51
C ALA C 60 11.83 -25.92 -2.67
N GLN C 61 12.78 -25.86 -1.75
CA GLN C 61 13.84 -24.86 -1.81
C GLN C 61 14.40 -24.83 -3.22
N GLU C 62 14.81 -25.98 -3.74
CA GLU C 62 15.35 -26.05 -5.09
C GLU C 62 14.36 -25.59 -6.13
N GLY C 63 13.07 -25.75 -5.84
CA GLY C 63 12.05 -25.36 -6.80
C GLY C 63 11.89 -23.86 -6.87
N ALA C 64 12.02 -23.23 -5.71
CA ALA C 64 11.91 -21.78 -5.55
C ALA C 64 13.04 -21.08 -6.28
N TYR C 65 14.27 -21.40 -5.85
CA TYR C 65 15.45 -20.80 -6.44
C TYR C 65 15.49 -21.06 -7.94
N ARG C 66 15.01 -22.21 -8.36
CA ARG C 66 15.03 -22.48 -9.78
C ARG C 66 14.07 -21.56 -10.48
N PHE C 67 12.98 -21.23 -9.80
CA PHE C 67 11.98 -20.36 -10.39
C PHE C 67 12.43 -18.89 -10.53
N ILE C 68 12.91 -18.29 -9.45
CA ILE C 68 13.34 -16.89 -9.54
C ILE C 68 14.56 -16.71 -10.42
N ARG C 69 15.12 -17.83 -10.87
CA ARG C 69 16.30 -17.83 -11.71
C ARG C 69 16.00 -18.29 -13.11
N ASN C 70 14.79 -18.78 -13.33
CA ASN C 70 14.44 -19.28 -14.63
C ASN C 70 14.24 -18.18 -15.68
N PRO C 71 15.17 -18.09 -16.63
CA PRO C 71 15.24 -17.16 -17.76
C PRO C 71 13.96 -17.17 -18.56
N ASN C 72 13.02 -18.02 -18.17
CA ASN C 72 11.79 -18.09 -18.92
C ASN C 72 10.66 -17.40 -18.22
N VAL C 73 10.90 -16.93 -17.01
CA VAL C 73 9.85 -16.26 -16.26
C VAL C 73 9.91 -14.73 -16.27
N SER C 74 8.92 -14.12 -16.92
CA SER C 74 8.82 -12.66 -17.00
C SER C 74 8.30 -12.03 -15.73
N ALA C 75 9.16 -11.29 -15.04
CA ALA C 75 8.74 -10.63 -13.82
C ALA C 75 7.50 -9.76 -14.11
N GLU C 76 7.34 -9.28 -15.34
CA GLU C 76 6.18 -8.50 -15.64
C GLU C 76 4.95 -9.38 -15.63
N ALA C 77 5.02 -10.52 -16.33
CA ALA C 77 3.91 -11.47 -16.37
C ALA C 77 3.49 -11.77 -14.94
N ILE C 78 4.44 -11.97 -14.04
CA ILE C 78 4.05 -12.23 -12.67
C ILE C 78 3.20 -11.07 -12.19
N ARG C 79 3.80 -9.89 -12.17
CA ARG C 79 3.10 -8.68 -11.72
C ARG C 79 1.73 -8.48 -12.37
N LYS C 80 1.68 -8.74 -13.67
CA LYS C 80 0.48 -8.62 -14.48
C LYS C 80 -0.60 -9.50 -13.86
N ALA C 81 -0.25 -10.74 -13.56
CA ALA C 81 -1.18 -11.69 -12.96
C ALA C 81 -1.80 -11.11 -11.70
N GLY C 82 -0.96 -10.71 -10.76
CA GLY C 82 -1.48 -10.16 -9.52
C GLY C 82 -2.41 -8.98 -9.75
N ALA C 83 -2.16 -8.21 -10.80
CA ALA C 83 -2.98 -7.04 -11.09
C ALA C 83 -4.37 -7.44 -11.54
N MET C 84 -4.43 -8.45 -12.40
CA MET C 84 -5.70 -8.94 -12.94
C MET C 84 -6.62 -9.38 -11.81
N GLN C 85 -6.04 -9.97 -10.79
CA GLN C 85 -6.80 -10.40 -9.66
C GLN C 85 -7.40 -9.16 -9.00
N THR C 86 -6.64 -8.07 -9.00
CA THR C 86 -7.13 -6.83 -8.40
C THR C 86 -8.34 -6.35 -9.19
N VAL C 87 -8.20 -6.29 -10.51
CA VAL C 87 -9.31 -5.87 -11.37
C VAL C 87 -10.54 -6.70 -11.04
N LYS C 88 -10.37 -8.01 -10.88
CA LYS C 88 -11.50 -8.90 -10.58
C LYS C 88 -12.19 -8.50 -9.27
N LEU C 89 -11.42 -8.41 -8.18
CA LEU C 89 -11.99 -8.02 -6.91
C LEU C 89 -12.65 -6.66 -6.97
N ALA C 90 -12.10 -5.80 -7.81
CA ALA C 90 -12.62 -4.44 -7.96
C ALA C 90 -14.05 -4.40 -8.44
N GLN C 91 -14.42 -5.41 -9.23
CA GLN C 91 -15.75 -5.50 -9.79
C GLN C 91 -16.90 -5.43 -8.80
N GLU C 92 -16.62 -5.35 -7.50
CA GLU C 92 -17.72 -5.32 -6.56
C GLU C 92 -17.86 -4.04 -5.76
N PHE C 93 -17.24 -2.97 -6.23
CA PHE C 93 -17.32 -1.72 -5.50
C PHE C 93 -17.78 -0.61 -6.41
N PRO C 94 -18.60 0.32 -5.87
CA PRO C 94 -19.14 1.46 -6.59
C PRO C 94 -18.06 2.51 -6.87
N GLU C 95 -17.23 2.80 -5.86
CA GLU C 95 -16.16 3.79 -5.99
C GLU C 95 -14.78 3.30 -5.52
N LEU C 96 -13.79 3.39 -6.39
CA LEU C 96 -12.41 2.95 -6.09
C LEU C 96 -11.35 4.04 -6.07
N LEU C 97 -10.42 3.94 -5.13
CA LEU C 97 -9.32 4.90 -5.04
C LEU C 97 -8.06 4.24 -5.59
N ALA C 98 -7.36 4.94 -6.49
CA ALA C 98 -6.14 4.40 -7.03
C ALA C 98 -4.95 5.26 -6.59
N ILE C 99 -4.36 4.93 -5.45
CA ILE C 99 -3.21 5.66 -4.96
C ILE C 99 -2.02 5.40 -5.89
N GLU C 100 -1.29 6.46 -6.22
CA GLU C 100 -0.17 6.34 -7.14
C GLU C 100 1.07 7.04 -6.59
N ASP C 101 2.18 6.32 -6.55
CA ASP C 101 3.38 6.92 -6.03
C ASP C 101 4.54 6.06 -6.40
N THR C 102 5.74 6.60 -6.14
CA THR C 102 6.99 5.96 -6.47
C THR C 102 7.82 5.67 -5.25
N THR C 103 8.66 4.64 -5.35
CA THR C 103 9.59 4.31 -4.26
C THR C 103 10.83 3.69 -4.92
N SER C 104 11.86 3.46 -4.14
CA SER C 104 13.05 2.84 -4.69
C SER C 104 13.38 1.57 -3.92
N LEU C 105 14.03 0.63 -4.60
CA LEU C 105 14.46 -0.62 -3.99
C LEU C 105 15.97 -0.47 -4.03
N SER C 106 16.62 -0.39 -2.87
CA SER C 106 18.06 -0.21 -2.83
C SER C 106 18.87 -1.39 -2.31
N TYR C 107 19.94 -1.73 -3.02
CA TYR C 107 20.84 -2.83 -2.66
C TYR C 107 22.32 -2.42 -2.70
N ARG C 108 23.13 -3.04 -1.84
CA ARG C 108 24.56 -2.75 -1.78
C ARG C 108 25.48 -3.96 -1.97
N HIS C 109 24.99 -5.07 -2.49
CA HIS C 109 25.89 -6.20 -2.71
C HIS C 109 26.19 -6.25 -4.21
N GLN C 110 27.26 -6.94 -4.60
CA GLN C 110 27.69 -7.00 -5.99
C GLN C 110 26.65 -6.74 -7.05
N VAL C 111 25.47 -7.33 -6.94
CA VAL C 111 24.49 -7.08 -8.00
C VAL C 111 24.15 -5.60 -8.21
N ALA C 112 24.46 -4.77 -7.22
CA ALA C 112 24.17 -3.33 -7.28
C ALA C 112 24.76 -2.68 -8.54
N GLU C 113 26.00 -3.05 -8.82
CA GLU C 113 26.72 -2.54 -9.97
C GLU C 113 25.95 -2.69 -11.27
N GLU C 114 25.10 -3.71 -11.37
CA GLU C 114 24.33 -3.89 -12.60
C GLU C 114 22.98 -3.22 -12.53
N LEU C 115 22.73 -2.55 -11.42
CA LEU C 115 21.46 -1.88 -11.21
C LEU C 115 21.55 -0.36 -11.47
N GLY C 116 20.37 0.27 -11.58
CA GLY C 116 20.28 1.69 -11.84
C GLY C 116 20.73 2.58 -10.71
N LYS C 117 20.84 3.88 -10.97
CA LYS C 117 21.28 4.85 -9.97
C LYS C 117 20.16 5.37 -9.07
N LEU C 118 20.42 5.43 -7.77
CA LEU C 118 19.44 5.88 -6.83
C LEU C 118 19.81 7.26 -6.30
N GLY C 119 21.11 7.51 -6.21
CA GLY C 119 21.59 8.79 -5.73
C GLY C 119 22.74 9.34 -6.55
N SER C 120 23.86 9.57 -5.88
CA SER C 120 25.05 10.10 -6.50
C SER C 120 25.73 9.02 -7.33
N ILE C 121 26.27 9.38 -8.49
CA ILE C 121 26.92 8.42 -9.35
C ILE C 121 27.98 7.59 -8.62
N GLN C 122 28.52 8.13 -7.53
CA GLN C 122 29.53 7.42 -6.76
C GLN C 122 28.91 6.56 -5.67
N ASP C 123 27.63 6.78 -5.37
CA ASP C 123 26.94 6.03 -4.33
C ASP C 123 26.98 4.51 -4.54
N LYS C 124 27.34 3.80 -3.48
CA LYS C 124 27.42 2.34 -3.52
C LYS C 124 26.01 1.79 -3.66
N SER C 125 25.08 2.35 -2.90
CA SER C 125 23.71 1.89 -2.94
C SER C 125 23.02 2.11 -4.25
N ARG C 126 22.69 1.05 -4.96
CA ARG C 126 21.97 1.24 -6.20
C ARG C 126 20.79 0.25 -6.22
N GLY C 127 19.96 0.36 -7.25
CA GLY C 127 18.82 -0.50 -7.34
C GLY C 127 17.83 -0.11 -8.42
N TRP C 128 16.54 -0.07 -8.06
CA TRP C 128 15.47 0.24 -9.02
C TRP C 128 14.57 1.38 -8.53
N TRP C 129 13.84 1.98 -9.46
CA TRP C 129 12.85 2.99 -9.13
C TRP C 129 11.50 2.32 -9.49
N VAL C 130 10.57 2.23 -8.54
CA VAL C 130 9.29 1.60 -8.87
C VAL C 130 8.08 2.48 -8.70
N HIS C 131 7.26 2.54 -9.74
CA HIS C 131 6.06 3.34 -9.69
C HIS C 131 4.84 2.43 -9.63
N SER C 132 4.22 2.41 -8.46
CA SER C 132 3.06 1.57 -8.21
C SER C 132 1.73 2.28 -8.09
N VAL C 133 0.67 1.51 -8.32
CA VAL C 133 -0.68 2.00 -8.24
C VAL C 133 -1.42 0.98 -7.40
N LEU C 134 -1.70 1.34 -6.15
CA LEU C 134 -2.40 0.47 -5.21
C LEU C 134 -3.90 0.81 -5.23
N LEU C 135 -4.79 -0.18 -5.40
CA LEU C 135 -6.25 0.09 -5.42
C LEU C 135 -6.95 -0.09 -4.08
N LEU C 136 -7.90 0.78 -3.81
CA LEU C 136 -8.70 0.73 -2.58
C LEU C 136 -10.15 0.99 -2.92
N GLU C 137 -11.06 0.68 -2.00
CA GLU C 137 -12.47 0.95 -2.25
C GLU C 137 -12.79 2.24 -1.49
N ALA C 138 -13.35 3.23 -2.20
CA ALA C 138 -13.64 4.54 -1.61
C ALA C 138 -14.68 4.56 -0.50
N THR C 139 -15.27 3.42 -0.20
CA THR C 139 -16.28 3.33 0.82
C THR C 139 -15.70 3.09 2.21
N THR C 140 -15.28 1.87 2.47
CA THR C 140 -14.70 1.56 3.78
C THR C 140 -13.19 1.78 3.73
N PHE C 141 -12.66 1.97 2.52
CA PHE C 141 -11.25 2.19 2.26
C PHE C 141 -10.37 0.98 2.58
N ARG C 142 -10.73 -0.17 2.03
CA ARG C 142 -9.97 -1.41 2.21
C ARG C 142 -9.05 -1.57 1.02
N THR C 143 -7.92 -2.23 1.23
CA THR C 143 -6.96 -2.44 0.15
C THR C 143 -7.34 -3.58 -0.82
N VAL C 144 -7.79 -3.22 -2.01
CA VAL C 144 -8.16 -4.22 -2.98
C VAL C 144 -6.93 -4.95 -3.48
N GLY C 145 -5.90 -4.18 -3.87
CA GLY C 145 -4.66 -4.76 -4.37
C GLY C 145 -3.87 -3.89 -5.35
N LEU C 146 -2.70 -4.37 -5.77
CA LEU C 146 -1.82 -3.68 -6.72
C LEU C 146 -2.39 -3.73 -8.12
N LEU C 147 -2.62 -2.56 -8.72
CA LEU C 147 -3.18 -2.51 -10.08
C LEU C 147 -2.12 -2.40 -11.18
N HIS C 148 -1.02 -1.76 -10.87
CA HIS C 148 0.05 -1.58 -11.86
C HIS C 148 1.35 -1.26 -11.16
N GLN C 149 2.43 -1.54 -11.87
CA GLN C 149 3.74 -1.26 -11.36
C GLN C 149 4.69 -1.10 -12.52
N GLU C 150 5.53 -0.08 -12.42
CA GLU C 150 6.54 0.18 -13.45
C GLU C 150 7.89 0.12 -12.79
N TRP C 151 8.73 -0.77 -13.31
CA TRP C 151 10.09 -0.95 -12.79
C TRP C 151 11.05 -0.38 -13.82
N TRP C 152 12.09 0.32 -13.35
CA TRP C 152 13.08 0.89 -14.26
C TRP C 152 14.33 1.32 -13.52
N MET C 153 15.44 1.25 -14.24
CA MET C 153 16.74 1.62 -13.70
C MET C 153 17.12 2.98 -14.25
N ARG C 154 17.63 3.83 -13.38
CA ARG C 154 18.03 5.15 -13.78
C ARG C 154 19.51 5.11 -14.15
N PRO C 155 19.83 5.55 -15.38
CA PRO C 155 21.21 5.56 -15.88
C PRO C 155 22.03 6.56 -15.11
N ASP C 156 23.35 6.38 -15.14
CA ASP C 156 24.22 7.31 -14.43
C ASP C 156 24.14 8.68 -15.10
N ASP C 157 24.09 8.66 -16.44
CA ASP C 157 24.00 9.88 -17.22
C ASP C 157 22.59 10.00 -17.80
N PRO C 158 21.84 11.03 -17.38
CA PRO C 158 20.48 11.26 -17.84
C PRO C 158 20.36 11.34 -19.35
N ALA C 159 21.47 11.58 -20.03
CA ALA C 159 21.44 11.66 -21.48
C ALA C 159 21.23 10.29 -22.11
N ASP C 160 21.16 9.26 -21.26
CA ASP C 160 20.98 7.91 -21.78
C ASP C 160 19.59 7.36 -21.51
N ALA C 161 18.82 8.07 -20.70
CA ALA C 161 17.46 7.66 -20.37
C ALA C 161 16.59 7.65 -21.62
N ASP C 162 15.94 6.53 -21.88
CA ASP C 162 15.07 6.37 -23.04
C ASP C 162 13.86 7.29 -22.97
N GLU C 163 13.53 7.74 -21.77
CA GLU C 163 12.39 8.61 -21.55
C GLU C 163 12.53 9.36 -20.25
N LYS C 164 11.75 10.43 -20.12
CA LYS C 164 11.75 11.24 -18.91
C LYS C 164 10.93 10.51 -17.85
N GLU C 165 11.51 10.39 -16.67
CA GLU C 165 10.83 9.70 -15.59
C GLU C 165 9.46 10.32 -15.29
N SER C 166 9.36 11.63 -15.39
CA SER C 166 8.10 12.33 -15.13
C SER C 166 6.89 11.73 -15.87
N GLY C 167 7.13 11.10 -17.01
CA GLY C 167 6.04 10.51 -17.77
C GLY C 167 5.47 9.26 -17.17
N LYS C 168 6.06 8.81 -16.06
CA LYS C 168 5.59 7.61 -15.41
C LYS C 168 4.11 7.74 -15.11
N TRP C 169 3.71 8.89 -14.56
CA TRP C 169 2.31 9.14 -14.22
C TRP C 169 1.40 8.88 -15.40
N LEU C 170 1.79 9.37 -16.56
CA LEU C 170 0.97 9.15 -17.74
C LEU C 170 1.03 7.67 -18.09
N ALA C 171 2.14 7.02 -17.75
CA ALA C 171 2.31 5.60 -18.04
C ALA C 171 1.31 4.79 -17.22
N ALA C 172 1.32 5.03 -15.92
CA ALA C 172 0.43 4.38 -14.97
C ALA C 172 -1.00 4.55 -15.44
N ALA C 173 -1.36 5.76 -15.79
CA ALA C 173 -2.72 6.01 -16.24
C ALA C 173 -3.04 5.14 -17.43
N ALA C 174 -2.12 5.03 -18.38
CA ALA C 174 -2.38 4.23 -19.57
C ALA C 174 -2.72 2.77 -19.27
N THR C 175 -1.86 2.11 -18.49
CA THR C 175 -2.10 0.71 -18.15
C THR C 175 -3.36 0.57 -17.31
N SER C 176 -3.52 1.44 -16.32
CA SER C 176 -4.67 1.42 -15.45
C SER C 176 -5.96 1.51 -16.25
N ARG C 177 -5.94 2.35 -17.28
CA ARG C 177 -7.08 2.56 -18.15
C ARG C 177 -7.33 1.28 -18.95
N LEU C 178 -6.27 0.56 -19.27
CA LEU C 178 -6.39 -0.65 -20.07
C LEU C 178 -6.90 -1.86 -19.30
N ARG C 179 -6.42 -2.02 -18.07
CA ARG C 179 -6.82 -3.16 -17.27
C ARG C 179 -8.19 -3.02 -16.62
N MET C 180 -8.50 -1.82 -16.13
CA MET C 180 -9.79 -1.59 -15.47
C MET C 180 -10.93 -1.43 -16.46
N GLY C 181 -10.60 -1.15 -17.72
CA GLY C 181 -11.64 -0.97 -18.73
C GLY C 181 -12.82 -0.12 -18.26
N SER C 182 -14.01 -0.63 -18.48
CA SER C 182 -15.24 0.06 -18.11
C SER C 182 -15.37 0.40 -16.61
N MET C 183 -14.43 -0.03 -15.79
CA MET C 183 -14.50 0.29 -14.37
C MET C 183 -13.67 1.52 -14.05
N MET C 184 -13.04 2.10 -15.06
CA MET C 184 -12.21 3.29 -14.85
C MET C 184 -13.08 4.43 -14.31
N SER C 185 -14.33 4.47 -14.76
CA SER C 185 -15.27 5.49 -14.33
C SER C 185 -15.50 5.48 -12.82
N ASN C 186 -15.29 4.33 -12.18
CA ASN C 186 -15.49 4.23 -10.74
C ASN C 186 -14.21 4.50 -9.99
N VAL C 187 -13.16 4.83 -10.74
CA VAL C 187 -11.83 5.08 -10.17
C VAL C 187 -11.47 6.55 -9.97
N ILE C 188 -10.75 6.83 -8.89
CA ILE C 188 -10.30 8.17 -8.57
C ILE C 188 -8.80 8.10 -8.26
N ALA C 189 -7.95 8.64 -9.14
CA ALA C 189 -6.50 8.60 -8.90
C ALA C 189 -6.11 9.54 -7.77
N VAL C 190 -5.11 9.17 -6.98
CA VAL C 190 -4.70 10.05 -5.90
C VAL C 190 -3.17 10.11 -5.87
N CYS C 191 -2.63 11.29 -6.16
CA CYS C 191 -1.20 11.48 -6.23
C CYS C 191 -0.70 12.73 -5.51
N ASP C 192 0.51 12.66 -4.96
CA ASP C 192 1.13 13.77 -4.24
C ASP C 192 1.61 14.89 -5.19
N ARG C 193 2.21 15.92 -4.63
CA ARG C 193 2.69 17.08 -5.39
C ARG C 193 3.43 16.81 -6.68
N GLU C 194 4.39 15.90 -6.63
CA GLU C 194 5.18 15.59 -7.82
C GLU C 194 4.32 15.25 -9.02
N ALA C 195 3.02 15.10 -8.80
CA ALA C 195 2.15 14.77 -9.92
C ALA C 195 1.58 16.03 -10.56
N ASP C 196 1.90 17.19 -9.97
CA ASP C 196 1.46 18.50 -10.48
C ASP C 196 2.06 18.70 -11.87
N ILE C 197 1.52 18.03 -12.89
CA ILE C 197 2.08 18.14 -14.23
C ILE C 197 0.94 18.34 -15.22
N HIS C 198 0.76 19.56 -15.71
CA HIS C 198 -0.34 19.83 -16.63
C HIS C 198 -0.46 18.81 -17.75
N ALA C 199 0.62 18.14 -18.11
CA ALA C 199 0.52 17.15 -19.18
C ALA C 199 -0.25 15.94 -18.68
N TYR C 200 -0.23 15.71 -17.36
CA TYR C 200 -0.94 14.59 -16.74
C TYR C 200 -2.40 14.97 -16.57
N LEU C 201 -2.64 16.04 -15.82
CA LEU C 201 -3.98 16.56 -15.57
C LEU C 201 -4.74 16.66 -16.90
N GLN C 202 -4.05 17.07 -17.96
CA GLN C 202 -4.68 17.22 -19.25
C GLN C 202 -5.14 15.88 -19.77
N ASP C 203 -4.28 14.89 -19.61
CA ASP C 203 -4.57 13.54 -20.07
C ASP C 203 -5.84 13.02 -19.40
N LYS C 204 -5.78 12.89 -18.07
CA LYS C 204 -6.92 12.40 -17.32
C LYS C 204 -8.20 13.10 -17.77
N LEU C 205 -8.19 14.43 -17.83
CA LEU C 205 -9.37 15.16 -18.25
C LEU C 205 -9.83 14.74 -19.64
N ALA C 206 -8.88 14.51 -20.53
CA ALA C 206 -9.21 14.11 -21.90
C ALA C 206 -9.91 12.75 -21.95
N HIS C 207 -9.76 11.97 -20.89
CA HIS C 207 -10.35 10.64 -20.80
C HIS C 207 -11.51 10.58 -19.79
N ASN C 208 -11.97 11.73 -19.34
CA ASN C 208 -13.05 11.79 -18.37
C ASN C 208 -12.69 10.98 -17.14
N GLU C 209 -11.39 10.86 -16.88
CA GLU C 209 -10.93 10.12 -15.72
C GLU C 209 -10.89 11.03 -14.51
N ARG C 210 -11.33 10.48 -13.37
CA ARG C 210 -11.38 11.22 -12.13
C ARG C 210 -9.98 11.18 -11.49
N PHE C 211 -9.72 12.11 -10.56
CA PHE C 211 -8.40 12.19 -9.92
C PHE C 211 -8.37 13.23 -8.83
N VAL C 212 -7.35 13.14 -7.99
CA VAL C 212 -7.11 14.08 -6.91
C VAL C 212 -5.60 14.18 -6.68
N VAL C 213 -5.03 15.30 -7.16
CA VAL C 213 -3.61 15.56 -7.06
C VAL C 213 -3.36 16.78 -6.23
N ARG C 214 -2.26 16.79 -5.47
CA ARG C 214 -1.91 17.92 -4.64
C ARG C 214 -1.10 18.91 -5.50
N SER C 215 -1.27 20.20 -5.23
CA SER C 215 -0.58 21.26 -5.98
C SER C 215 0.82 21.48 -5.44
N LYS C 216 1.74 21.77 -6.36
CA LYS C 216 3.13 22.01 -6.01
C LYS C 216 3.56 23.39 -6.51
N HIS C 217 3.49 23.55 -7.82
CA HIS C 217 3.86 24.78 -8.47
C HIS C 217 2.74 25.81 -8.50
N PRO C 218 3.10 27.10 -8.37
CA PRO C 218 2.12 28.18 -8.39
C PRO C 218 1.59 28.28 -9.81
N ARG C 219 0.29 28.15 -9.97
CA ARG C 219 -0.30 28.25 -11.30
C ARG C 219 -1.31 29.37 -11.28
N LYS C 220 -1.69 29.85 -12.45
CA LYS C 220 -2.64 30.94 -12.54
C LYS C 220 -4.00 30.48 -13.03
N ASP C 221 -5.00 31.32 -12.84
CA ASP C 221 -6.34 30.99 -13.30
C ASP C 221 -6.70 31.92 -14.47
N VAL C 222 -7.17 31.33 -15.55
CA VAL C 222 -7.55 32.09 -16.74
C VAL C 222 -8.41 33.29 -16.38
N GLU C 223 -9.52 33.05 -15.68
CA GLU C 223 -10.43 34.13 -15.30
C GLU C 223 -9.81 34.97 -14.19
N SER C 224 -9.75 34.39 -13.00
CA SER C 224 -9.20 35.08 -11.85
C SER C 224 -7.93 35.88 -12.11
N GLY C 225 -7.16 35.46 -13.11
CA GLY C 225 -5.92 36.15 -13.41
C GLY C 225 -4.98 36.11 -12.21
N LEU C 226 -5.32 35.27 -11.24
CA LEU C 226 -4.50 35.15 -10.04
C LEU C 226 -3.84 33.78 -9.91
N TYR C 227 -3.08 33.60 -8.83
CA TYR C 227 -2.44 32.32 -8.56
C TYR C 227 -3.51 31.50 -7.85
N LEU C 228 -3.56 30.21 -8.15
CA LEU C 228 -4.56 29.33 -7.57
C LEU C 228 -4.77 29.62 -6.10
N TYR C 229 -3.69 29.71 -5.34
CA TYR C 229 -3.83 29.97 -3.91
C TYR C 229 -4.57 31.28 -3.65
N ASP C 230 -4.17 32.33 -4.36
CA ASP C 230 -4.79 33.65 -4.19
C ASP C 230 -6.24 33.71 -4.68
N HIS C 231 -6.57 32.89 -5.67
CA HIS C 231 -7.93 32.86 -6.21
C HIS C 231 -8.87 32.10 -5.28
N LEU C 232 -8.34 31.12 -4.56
CA LEU C 232 -9.17 30.33 -3.66
C LEU C 232 -9.36 31.03 -2.33
N LYS C 233 -8.42 31.89 -1.95
CA LYS C 233 -8.54 32.60 -0.67
C LYS C 233 -9.70 33.58 -0.70
N ASN C 234 -10.19 33.87 -1.90
CA ASN C 234 -11.30 34.79 -2.05
C ASN C 234 -12.64 34.09 -1.89
N GLN C 235 -12.72 32.84 -2.33
CA GLN C 235 -13.96 32.09 -2.22
C GLN C 235 -14.42 32.05 -0.78
N PRO C 236 -15.74 31.97 -0.57
CA PRO C 236 -16.33 31.93 0.77
C PRO C 236 -15.87 30.70 1.56
N GLU C 237 -15.63 30.90 2.85
CA GLU C 237 -15.19 29.80 3.72
C GLU C 237 -16.32 28.77 3.84
N LEU C 238 -16.21 27.66 3.11
CA LEU C 238 -17.21 26.60 3.14
C LEU C 238 -17.37 26.02 4.54
N GLY C 239 -16.39 26.25 5.39
CA GLY C 239 -16.47 25.73 6.73
C GLY C 239 -15.10 25.28 7.20
N GLY C 240 -14.98 24.02 7.58
CA GLY C 240 -13.68 23.54 8.03
C GLY C 240 -13.72 22.18 8.69
N TYR C 241 -12.70 21.90 9.48
CA TYR C 241 -12.59 20.62 10.17
C TYR C 241 -11.37 20.63 11.05
N GLN C 242 -11.21 19.56 11.81
CA GLN C 242 -10.07 19.47 12.68
C GLN C 242 -9.36 18.14 12.57
N ILE C 243 -8.08 18.14 12.92
CA ILE C 243 -7.29 16.93 12.87
C ILE C 243 -6.39 16.91 14.07
N SER C 244 -6.12 15.72 14.58
CA SER C 244 -5.23 15.60 15.72
C SER C 244 -3.88 15.17 15.19
N ILE C 245 -2.88 16.03 15.39
CA ILE C 245 -1.54 15.71 14.95
C ILE C 245 -0.91 14.99 16.13
N PRO C 246 -0.55 13.70 15.92
CA PRO C 246 0.07 12.86 16.95
C PRO C 246 1.52 13.16 17.21
N GLN C 247 1.93 13.01 18.47
CA GLN C 247 3.31 13.26 18.85
C GLN C 247 4.24 12.24 18.20
N LYS C 248 5.43 12.68 17.83
CA LYS C 248 6.44 11.80 17.23
C LYS C 248 7.83 12.34 17.39
N GLY C 249 8.81 11.49 17.11
CA GLY C 249 10.20 11.88 17.19
C GLY C 249 10.58 12.30 15.79
N VAL C 250 11.45 13.30 15.69
CA VAL C 250 11.87 13.79 14.39
C VAL C 250 13.37 13.94 14.37
N VAL C 251 13.92 14.05 13.17
CA VAL C 251 15.35 14.23 13.00
C VAL C 251 15.61 15.40 12.06
N ASP C 252 16.23 16.45 12.58
CA ASP C 252 16.53 17.65 11.78
C ASP C 252 17.64 17.41 10.76
N LYS C 253 17.78 18.33 9.81
CA LYS C 253 18.81 18.23 8.76
C LYS C 253 20.19 18.05 9.39
N ARG C 254 20.40 18.70 10.53
CA ARG C 254 21.67 18.63 11.26
C ARG C 254 21.92 17.19 11.73
N GLY C 255 20.85 16.44 11.97
CA GLY C 255 20.98 15.06 12.42
C GLY C 255 20.74 14.89 13.91
N LYS C 256 20.34 15.96 14.60
CA LYS C 256 20.08 15.92 16.03
C LYS C 256 18.75 15.24 16.35
N ARG C 257 18.00 15.78 17.30
CA ARG C 257 16.73 15.17 17.67
C ARG C 257 15.76 16.24 18.13
N LYS C 258 14.65 16.41 17.40
CA LYS C 258 13.65 17.39 17.78
C LYS C 258 12.32 16.66 18.00
N ASN C 259 11.53 17.15 18.95
CA ASN C 259 10.25 16.55 19.29
C ASN C 259 9.10 17.29 18.60
N ARG C 260 8.11 16.55 18.13
CA ARG C 260 6.94 17.17 17.51
C ARG C 260 5.75 16.83 18.40
N PRO C 261 5.46 17.70 19.40
CA PRO C 261 4.34 17.46 20.30
C PRO C 261 2.99 17.34 19.61
N ALA C 262 2.04 16.72 20.28
CA ALA C 262 0.71 16.56 19.72
C ALA C 262 -0.06 17.84 19.82
N ARG C 263 -1.02 18.01 18.92
CA ARG C 263 -1.84 19.19 18.94
C ARG C 263 -2.94 19.08 17.91
N LYS C 264 -4.14 19.55 18.26
CA LYS C 264 -5.29 19.51 17.37
C LYS C 264 -5.21 20.73 16.47
N ALA C 265 -5.26 20.50 15.17
CA ALA C 265 -5.18 21.58 14.21
C ALA C 265 -6.55 21.84 13.60
N SER C 266 -6.95 23.11 13.69
CA SER C 266 -8.24 23.56 13.17
C SER C 266 -8.00 24.10 11.76
N LEU C 267 -8.75 23.63 10.79
CA LEU C 267 -8.54 24.12 9.44
C LEU C 267 -9.72 24.82 8.80
N SER C 268 -9.43 25.81 7.97
CA SER C 268 -10.45 26.54 7.25
C SER C 268 -10.49 25.94 5.84
N LEU C 269 -11.68 25.75 5.28
CA LEU C 269 -11.76 25.16 3.96
C LEU C 269 -12.58 25.96 2.93
N ARG C 270 -12.04 26.04 1.72
CA ARG C 270 -12.69 26.76 0.63
C ARG C 270 -12.70 25.89 -0.60
N SER C 271 -13.32 26.39 -1.66
CA SER C 271 -13.40 25.64 -2.90
C SER C 271 -13.81 26.51 -4.07
N GLY C 272 -13.50 26.05 -5.28
CA GLY C 272 -13.87 26.80 -6.46
C GLY C 272 -13.42 26.14 -7.74
N ARG C 273 -13.70 26.79 -8.88
CA ARG C 273 -13.29 26.26 -10.18
C ARG C 273 -12.14 27.08 -10.71
N ILE C 274 -11.15 26.39 -11.27
CA ILE C 274 -9.97 27.04 -11.82
C ILE C 274 -9.84 26.62 -13.28
N THR C 275 -8.94 27.28 -14.01
CA THR C 275 -8.70 26.98 -15.42
C THR C 275 -7.25 27.33 -15.70
N LEU C 276 -6.50 26.36 -16.21
CA LEU C 276 -5.09 26.58 -16.50
C LEU C 276 -4.88 26.99 -17.95
N LYS C 277 -3.78 27.68 -18.23
CA LYS C 277 -3.50 28.13 -19.59
C LYS C 277 -3.44 26.98 -20.59
N GLN C 278 -2.45 26.11 -20.43
CA GLN C 278 -2.27 24.98 -21.35
C GLN C 278 -3.53 24.15 -21.54
N GLY C 279 -3.85 23.91 -22.82
CA GLY C 279 -5.03 23.13 -23.16
C GLY C 279 -6.30 23.80 -22.66
N ASN C 280 -6.13 24.93 -21.99
CA ASN C 280 -7.23 25.71 -21.41
C ASN C 280 -8.17 24.77 -20.65
N ILE C 281 -7.56 23.85 -19.91
CA ILE C 281 -8.31 22.88 -19.12
C ILE C 281 -8.94 23.51 -17.89
N THR C 282 -10.10 22.97 -17.49
CA THR C 282 -10.85 23.46 -16.35
C THR C 282 -11.08 22.34 -15.32
N LEU C 283 -11.11 22.69 -14.04
CA LEU C 283 -11.36 21.70 -13.00
C LEU C 283 -11.66 22.41 -11.68
N ASN C 284 -11.97 21.64 -10.64
CA ASN C 284 -12.26 22.26 -9.36
C ASN C 284 -11.02 22.19 -8.51
N ALA C 285 -10.98 22.98 -7.44
CA ALA C 285 -9.83 23.00 -6.57
C ALA C 285 -10.31 23.22 -5.15
N VAL C 286 -9.48 22.86 -4.19
CA VAL C 286 -9.84 23.00 -2.79
C VAL C 286 -8.61 23.50 -2.06
N LEU C 287 -8.82 24.43 -1.13
CA LEU C 287 -7.71 25.00 -0.37
C LEU C 287 -8.00 24.88 1.11
N ALA C 288 -7.25 24.04 1.80
CA ALA C 288 -7.45 23.87 3.23
C ALA C 288 -6.26 24.47 3.96
N GLU C 289 -6.50 25.49 4.76
CA GLU C 289 -5.42 26.14 5.50
C GLU C 289 -5.65 26.16 7.00
N GLU C 290 -4.62 25.77 7.74
CA GLU C 290 -4.65 25.71 9.20
C GLU C 290 -5.22 26.96 9.85
N ILE C 291 -5.41 26.91 11.16
CA ILE C 291 -5.97 28.03 11.90
C ILE C 291 -5.20 28.33 13.19
N ASN C 292 -4.59 29.51 13.24
CA ASN C 292 -3.83 29.93 14.41
C ASN C 292 -2.77 28.89 14.78
N PRO C 293 -1.80 28.67 13.88
CA PRO C 293 -0.72 27.71 14.11
C PRO C 293 0.27 28.18 15.16
N PRO C 294 0.85 27.23 15.91
CA PRO C 294 1.83 27.52 16.96
C PRO C 294 3.03 28.34 16.46
N LYS C 295 3.61 29.13 17.35
CA LYS C 295 4.75 29.97 17.01
C LYS C 295 5.83 29.17 16.28
N GLY C 296 6.31 28.10 16.90
CA GLY C 296 7.34 27.27 16.30
C GLY C 296 6.82 26.12 15.46
N GLU C 297 5.87 26.42 14.58
CA GLU C 297 5.29 25.40 13.69
C GLU C 297 4.82 26.05 12.39
N THR C 298 5.01 25.32 11.29
CA THR C 298 4.60 25.79 9.96
C THR C 298 3.08 25.62 9.77
N PRO C 299 2.40 26.69 9.32
CA PRO C 299 0.94 26.68 9.10
C PRO C 299 0.52 25.62 8.07
N LEU C 300 -0.11 24.56 8.59
CA LEU C 300 -0.56 23.45 7.76
C LEU C 300 -1.46 23.92 6.62
N LYS C 301 -1.28 23.32 5.45
CA LYS C 301 -2.05 23.73 4.30
C LYS C 301 -2.05 22.69 3.19
N TRP C 302 -3.12 22.67 2.41
CA TRP C 302 -3.29 21.76 1.28
C TRP C 302 -4.07 22.46 0.22
N LEU C 303 -3.66 22.26 -1.03
CA LEU C 303 -4.38 22.85 -2.14
C LEU C 303 -4.39 21.71 -3.12
N LEU C 304 -5.58 21.12 -3.32
CA LEU C 304 -5.72 19.97 -4.20
C LEU C 304 -6.51 20.28 -5.44
N LEU C 305 -6.05 19.80 -6.59
CA LEU C 305 -6.75 19.99 -7.85
C LEU C 305 -7.44 18.66 -8.09
N THR C 306 -8.65 18.68 -8.65
CA THR C 306 -9.42 17.45 -8.90
C THR C 306 -10.64 17.68 -9.76
N SER C 307 -11.13 16.58 -10.32
CA SER C 307 -12.34 16.59 -11.15
C SER C 307 -13.59 16.44 -10.27
N GLU C 308 -13.43 15.82 -9.10
CA GLU C 308 -14.55 15.62 -8.19
C GLU C 308 -15.21 16.94 -7.81
N PRO C 309 -16.54 16.94 -7.70
CA PRO C 309 -17.27 18.16 -7.34
C PRO C 309 -16.93 18.57 -5.92
N VAL C 310 -16.95 19.87 -5.67
CA VAL C 310 -16.61 20.38 -4.34
C VAL C 310 -17.43 21.60 -3.93
N GLU C 311 -18.54 21.85 -4.62
CA GLU C 311 -19.39 23.00 -4.31
C GLU C 311 -19.93 23.11 -2.88
N SER C 312 -20.00 22.00 -2.16
CA SER C 312 -20.50 22.02 -0.79
C SER C 312 -19.46 21.54 0.23
N LEU C 313 -19.59 22.02 1.46
CA LEU C 313 -18.68 21.65 2.54
C LEU C 313 -18.54 20.15 2.67
N ALA C 314 -19.52 19.42 2.15
CA ALA C 314 -19.49 17.97 2.21
C ALA C 314 -18.70 17.46 1.02
N GLN C 315 -19.05 17.95 -0.16
CA GLN C 315 -18.35 17.53 -1.36
C GLN C 315 -16.85 17.84 -1.30
N ALA C 316 -16.48 18.86 -0.54
CA ALA C 316 -15.08 19.26 -0.41
C ALA C 316 -14.39 18.41 0.63
N LEU C 317 -15.13 18.06 1.67
CA LEU C 317 -14.61 17.23 2.74
C LEU C 317 -14.36 15.84 2.21
N ARG C 318 -15.00 15.54 1.10
CA ARG C 318 -14.84 14.25 0.48
C ARG C 318 -13.47 14.22 -0.19
N VAL C 319 -13.10 15.31 -0.85
CA VAL C 319 -11.81 15.42 -1.52
C VAL C 319 -10.67 15.38 -0.50
N ILE C 320 -10.81 16.14 0.57
CA ILE C 320 -9.80 16.17 1.60
C ILE C 320 -9.68 14.78 2.18
N ASP C 321 -10.82 14.11 2.33
CA ASP C 321 -10.81 12.78 2.91
C ASP C 321 -10.12 11.75 2.03
N ILE C 322 -10.46 11.78 0.74
CA ILE C 322 -9.90 10.89 -0.25
C ILE C 322 -8.38 11.07 -0.29
N TYR C 323 -7.93 12.31 -0.46
CA TYR C 323 -6.49 12.55 -0.52
C TYR C 323 -5.80 12.10 0.78
N THR C 324 -6.49 12.14 1.90
CA THR C 324 -5.86 11.74 3.15
C THR C 324 -5.42 10.29 3.15
N HIS C 325 -6.04 9.47 2.33
CA HIS C 325 -5.69 8.07 2.26
C HIS C 325 -4.52 7.76 1.33
N ARG C 326 -4.04 8.75 0.59
CA ARG C 326 -2.93 8.54 -0.34
C ARG C 326 -1.74 7.95 0.41
N TRP C 327 -1.69 8.20 1.71
CA TRP C 327 -0.61 7.70 2.52
C TRP C 327 -0.61 6.17 2.68
N ARG C 328 -1.61 5.53 2.12
CA ARG C 328 -1.67 4.09 2.24
C ARG C 328 -0.51 3.50 1.46
N ILE C 329 -0.23 4.05 0.30
CA ILE C 329 0.87 3.55 -0.52
C ILE C 329 2.22 3.70 0.21
N GLU C 330 2.26 4.56 1.23
CA GLU C 330 3.49 4.74 1.98
C GLU C 330 3.60 3.53 2.87
N GLU C 331 2.46 3.07 3.39
CA GLU C 331 2.47 1.89 4.26
C GLU C 331 2.75 0.66 3.42
N PHE C 332 2.27 0.67 2.19
CA PHE C 332 2.55 -0.44 1.30
C PHE C 332 4.06 -0.58 1.19
N HIS C 333 4.72 0.55 0.89
CA HIS C 333 6.17 0.56 0.75
C HIS C 333 6.86 0.01 1.97
N LYS C 334 6.46 0.47 3.15
CA LYS C 334 7.12 -0.08 4.33
C LYS C 334 6.86 -1.58 4.42
N ALA C 335 5.67 -2.02 4.00
CA ALA C 335 5.34 -3.44 4.05
C ALA C 335 6.17 -4.25 3.06
N TRP C 336 6.44 -3.66 1.90
CA TRP C 336 7.23 -4.30 0.87
C TRP C 336 8.67 -4.47 1.33
N LYS C 337 9.17 -3.51 2.11
CA LYS C 337 10.53 -3.61 2.58
C LYS C 337 10.58 -4.25 3.95
N THR C 338 10.54 -3.46 5.01
CA THR C 338 10.58 -4.03 6.33
C THR C 338 9.65 -5.25 6.46
N GLY C 339 8.52 -5.22 5.75
CA GLY C 339 7.60 -6.33 5.83
C GLY C 339 8.06 -7.58 5.09
N ALA C 340 7.68 -7.70 3.83
CA ALA C 340 8.03 -8.86 3.03
C ALA C 340 9.54 -9.03 2.86
N GLY C 341 10.29 -7.97 3.16
CA GLY C 341 11.74 -8.03 3.04
C GLY C 341 12.30 -7.87 1.63
N ALA C 342 11.76 -6.95 0.85
CA ALA C 342 12.27 -6.73 -0.51
C ALA C 342 13.77 -6.42 -0.48
N GLU C 343 14.17 -5.46 0.34
CA GLU C 343 15.56 -5.09 0.43
C GLU C 343 16.45 -6.05 1.23
N ARG C 344 15.90 -7.19 1.63
CA ARG C 344 16.67 -8.18 2.40
C ARG C 344 17.17 -9.32 1.52
N GLN C 345 16.56 -9.45 0.34
CA GLN C 345 16.91 -10.48 -0.60
C GLN C 345 18.35 -10.25 -1.05
N ARG C 346 19.02 -11.32 -1.47
CA ARG C 346 20.39 -11.21 -1.91
C ARG C 346 20.67 -11.95 -3.18
N MET C 347 19.70 -11.95 -4.07
CA MET C 347 19.89 -12.60 -5.34
C MET C 347 21.13 -11.89 -5.92
N GLU C 348 21.85 -12.58 -6.81
CA GLU C 348 23.07 -12.07 -7.43
C GLU C 348 22.93 -11.66 -8.91
N LYS C 349 21.70 -11.56 -9.40
CA LYS C 349 21.49 -11.14 -10.77
C LYS C 349 20.21 -10.31 -10.84
N PRO C 350 20.22 -9.21 -11.60
CA PRO C 350 19.05 -8.35 -11.71
C PRO C 350 17.72 -9.06 -11.90
N ASP C 351 17.58 -9.79 -13.01
CA ASP C 351 16.34 -10.51 -13.31
C ASP C 351 15.91 -11.36 -12.13
N ASN C 352 16.86 -12.04 -11.51
CA ASN C 352 16.53 -12.88 -10.36
C ASN C 352 15.91 -12.08 -9.24
N LEU C 353 16.61 -11.03 -8.83
CA LEU C 353 16.14 -10.19 -7.75
C LEU C 353 14.76 -9.62 -8.08
N GLU C 354 14.58 -9.22 -9.33
CA GLU C 354 13.31 -8.67 -9.76
C GLU C 354 12.22 -9.73 -9.56
N ARG C 355 12.47 -10.95 -10.06
CA ARG C 355 11.50 -12.02 -9.91
C ARG C 355 11.12 -12.25 -8.43
N MET C 356 12.09 -12.29 -7.52
CA MET C 356 11.74 -12.46 -6.12
C MET C 356 10.92 -11.28 -5.58
N VAL C 357 11.50 -10.08 -5.63
CA VAL C 357 10.87 -8.86 -5.13
C VAL C 357 9.50 -8.58 -5.75
N SER C 358 9.30 -9.04 -6.99
CA SER C 358 8.02 -8.86 -7.67
C SER C 358 6.92 -9.66 -6.97
N ILE C 359 7.26 -10.88 -6.59
CA ILE C 359 6.32 -11.73 -5.89
C ILE C 359 6.06 -11.06 -4.53
N LEU C 360 7.12 -10.65 -3.86
CA LEU C 360 6.98 -9.99 -2.58
C LEU C 360 6.11 -8.74 -2.60
N SER C 361 5.89 -8.13 -3.77
CA SER C 361 5.05 -6.92 -3.72
C SER C 361 3.67 -7.33 -3.26
N PHE C 362 3.21 -8.48 -3.77
CA PHE C 362 1.89 -8.98 -3.39
C PHE C 362 1.91 -9.56 -1.99
N VAL C 363 3.01 -10.19 -1.63
CA VAL C 363 3.10 -10.75 -0.29
C VAL C 363 3.20 -9.56 0.66
N ALA C 364 3.30 -8.36 0.11
CA ALA C 364 3.41 -7.19 0.97
C ALA C 364 2.04 -6.56 1.22
N VAL C 365 1.17 -6.65 0.21
CA VAL C 365 -0.18 -6.15 0.28
C VAL C 365 -0.98 -6.95 1.33
N ARG C 366 -0.84 -8.27 1.24
CA ARG C 366 -1.52 -9.22 2.14
C ARG C 366 -1.37 -8.87 3.63
N LEU C 367 -0.20 -8.36 4.01
CA LEU C 367 0.06 -8.01 5.40
C LEU C 367 -0.86 -6.88 5.77
N LEU C 368 -1.06 -5.98 4.82
CA LEU C 368 -1.93 -4.83 5.03
C LEU C 368 -3.35 -5.39 5.17
N GLN C 369 -3.77 -6.09 4.12
CA GLN C 369 -5.08 -6.72 4.06
C GLN C 369 -5.45 -7.57 5.29
N LEU C 370 -4.45 -8.23 5.86
CA LEU C 370 -4.64 -9.04 7.02
C LEU C 370 -5.10 -8.20 8.17
N ARG C 371 -4.42 -7.10 8.44
CA ARG C 371 -4.83 -6.24 9.55
C ARG C 371 -6.22 -5.67 9.31
N GLU C 372 -6.53 -5.36 8.05
CA GLU C 372 -7.82 -4.79 7.72
C GLU C 372 -8.95 -5.77 7.93
N SER C 373 -8.70 -7.04 7.63
CA SER C 373 -9.70 -8.08 7.79
C SER C 373 -10.19 -8.21 9.23
N PHE C 374 -9.35 -7.83 10.18
CA PHE C 374 -9.76 -7.91 11.58
C PHE C 374 -10.22 -6.55 12.08
N THR C 375 -10.47 -5.64 11.16
CA THR C 375 -10.90 -4.31 11.54
C THR C 375 -12.27 -4.01 10.95
N PRO C 376 -13.20 -3.49 11.76
CA PRO C 376 -14.55 -3.16 11.29
C PRO C 376 -14.60 -2.13 10.16
N GLN C 395 -18.83 -7.38 13.99
CA GLN C 395 -19.44 -8.69 13.81
C GLN C 395 -18.91 -9.69 14.84
N SER C 396 -18.79 -10.94 14.41
CA SER C 396 -18.29 -12.02 15.26
C SER C 396 -16.96 -12.56 14.74
N ALA C 397 -16.26 -13.34 15.56
CA ALA C 397 -14.98 -13.90 15.14
C ALA C 397 -15.20 -15.03 14.16
N GLU C 398 -16.26 -15.80 14.38
CA GLU C 398 -16.56 -16.95 13.51
C GLU C 398 -16.63 -16.56 12.03
N THR C 399 -16.72 -15.27 11.75
CA THR C 399 -16.80 -14.76 10.38
C THR C 399 -15.51 -14.91 9.59
N VAL C 400 -14.38 -14.61 10.23
CA VAL C 400 -13.07 -14.71 9.59
C VAL C 400 -12.26 -15.91 10.13
N LEU C 401 -12.36 -16.13 11.44
CA LEU C 401 -11.65 -17.22 12.12
C LEU C 401 -12.40 -18.55 12.05
N THR C 402 -11.67 -19.64 12.05
CA THR C 402 -12.30 -20.95 12.00
C THR C 402 -12.61 -21.33 13.45
N PRO C 403 -13.56 -22.25 13.66
CA PRO C 403 -13.91 -22.66 15.02
C PRO C 403 -12.71 -23.15 15.82
N ASP C 404 -11.80 -23.84 15.15
CA ASP C 404 -10.61 -24.36 15.81
C ASP C 404 -9.71 -23.26 16.33
N GLU C 405 -9.23 -22.39 15.42
CA GLU C 405 -8.37 -21.30 15.83
C GLU C 405 -9.11 -20.30 16.74
N CYS C 406 -10.38 -20.06 16.46
CA CYS C 406 -11.18 -19.14 17.28
C CYS C 406 -11.21 -19.60 18.74
N GLN C 407 -11.24 -20.92 18.92
CA GLN C 407 -11.25 -21.52 20.23
C GLN C 407 -9.88 -21.34 20.86
N LEU C 408 -8.83 -21.66 20.10
CA LEU C 408 -7.47 -21.52 20.60
C LEU C 408 -7.16 -20.08 21.00
N LEU C 409 -7.52 -19.13 20.13
CA LEU C 409 -7.29 -17.74 20.44
C LEU C 409 -7.95 -17.42 21.78
N GLY C 410 -9.18 -17.90 21.96
CA GLY C 410 -9.88 -17.68 23.21
C GLY C 410 -9.13 -18.27 24.39
N TYR C 411 -8.56 -19.45 24.20
CA TYR C 411 -7.82 -20.09 25.28
C TYR C 411 -6.64 -19.20 25.61
N LEU C 412 -5.84 -18.90 24.59
CA LEU C 412 -4.65 -18.07 24.76
C LEU C 412 -4.93 -16.69 25.32
N ASP C 413 -6.01 -16.07 24.86
CA ASP C 413 -6.37 -14.73 25.30
C ASP C 413 -7.14 -14.72 26.62
N LYS C 414 -7.21 -15.87 27.27
CA LYS C 414 -7.95 -15.96 28.52
C LYS C 414 -7.44 -14.98 29.59
N GLY C 415 -8.36 -14.18 30.10
CA GLY C 415 -8.03 -13.21 31.13
C GLY C 415 -7.13 -12.09 30.65
N LYS C 416 -7.48 -11.48 29.53
CA LYS C 416 -6.71 -10.37 28.97
C LYS C 416 -7.57 -9.39 28.20
N ARG C 417 -8.83 -9.73 27.96
CA ARG C 417 -9.71 -8.83 27.22
C ARG C 417 -10.36 -7.78 28.09
N LYS C 418 -10.56 -6.59 27.54
CA LYS C 418 -11.19 -5.51 28.28
C LYS C 418 -12.70 -5.61 28.08
N ARG C 419 -13.45 -5.21 29.10
CA ARG C 419 -14.91 -5.25 29.07
C ARG C 419 -15.41 -4.45 27.87
N LYS C 420 -14.50 -3.68 27.26
CA LYS C 420 -14.83 -2.86 26.10
C LYS C 420 -15.18 -3.71 24.89
N GLU C 421 -14.63 -4.92 24.84
CA GLU C 421 -14.89 -5.81 23.71
C GLU C 421 -15.81 -6.97 24.09
N LYS C 422 -16.66 -7.36 23.15
CA LYS C 422 -17.59 -8.45 23.38
C LYS C 422 -16.89 -9.73 23.79
N ALA C 423 -17.66 -10.81 23.91
CA ALA C 423 -17.16 -12.11 24.30
C ALA C 423 -16.34 -12.74 23.17
N GLY C 424 -16.94 -12.84 22.00
CA GLY C 424 -16.24 -13.45 20.87
C GLY C 424 -16.48 -12.70 19.58
N SER C 425 -16.35 -11.38 19.64
CA SER C 425 -16.57 -10.52 18.48
C SER C 425 -15.33 -10.33 17.61
N LEU C 426 -15.56 -9.84 16.40
CA LEU C 426 -14.49 -9.56 15.44
C LEU C 426 -13.63 -8.41 15.98
N GLN C 427 -14.06 -7.80 17.08
CA GLN C 427 -13.33 -6.70 17.71
C GLN C 427 -12.42 -7.28 18.78
N TRP C 428 -12.82 -8.41 19.32
CA TRP C 428 -12.06 -9.09 20.36
C TRP C 428 -10.84 -9.79 19.74
N ALA C 429 -11.10 -10.55 18.68
CA ALA C 429 -10.05 -11.27 17.97
C ALA C 429 -8.94 -10.29 17.59
N TYR C 430 -9.34 -9.10 17.17
CA TYR C 430 -8.38 -8.08 16.80
C TYR C 430 -7.41 -7.87 17.97
N MET C 431 -7.93 -7.47 19.11
CA MET C 431 -7.10 -7.22 20.26
C MET C 431 -6.43 -8.46 20.81
N ALA C 432 -7.02 -9.62 20.57
CA ALA C 432 -6.43 -10.86 21.08
C ALA C 432 -5.23 -11.24 20.23
N ILE C 433 -5.44 -11.24 18.92
CA ILE C 433 -4.37 -11.56 17.99
C ILE C 433 -3.25 -10.52 18.18
N ALA C 434 -3.67 -9.25 18.23
CA ALA C 434 -2.75 -8.14 18.42
C ALA C 434 -1.97 -8.32 19.72
N ARG C 435 -2.67 -8.74 20.78
CA ARG C 435 -2.01 -8.95 22.06
C ARG C 435 -0.94 -10.02 21.96
N LEU C 436 -1.13 -10.97 21.04
CA LEU C 436 -0.13 -12.00 20.87
C LEU C 436 1.10 -11.32 20.28
N GLY C 437 0.83 -10.39 19.36
CA GLY C 437 1.88 -9.63 18.70
C GLY C 437 2.64 -8.71 19.64
N GLY C 438 2.15 -8.54 20.85
CA GLY C 438 2.83 -7.68 21.81
C GLY C 438 2.18 -6.34 22.05
N PHE C 439 1.19 -6.00 21.22
CA PHE C 439 0.49 -4.74 21.33
C PHE C 439 0.16 -4.40 22.77
N MET C 440 0.64 -3.27 23.24
CA MET C 440 0.33 -2.84 24.60
C MET C 440 -0.35 -1.46 24.53
N ASP C 441 -0.74 -1.05 23.33
CA ASP C 441 -1.42 0.24 23.11
C ASP C 441 -0.72 1.36 23.91
N SER C 442 0.59 1.51 23.70
CA SER C 442 1.40 2.49 24.41
C SER C 442 0.85 3.92 24.31
N LYS C 443 0.34 4.27 23.14
CA LYS C 443 -0.20 5.59 22.94
C LYS C 443 -1.70 5.58 23.12
N ARG C 444 -2.22 4.48 23.64
CA ARG C 444 -3.66 4.37 23.88
C ARG C 444 -4.48 4.94 22.72
N THR C 445 -4.28 4.41 21.51
CA THR C 445 -5.03 4.87 20.36
C THR C 445 -5.96 3.75 19.88
N GLY C 446 -5.68 2.54 20.35
CA GLY C 446 -6.49 1.40 19.95
C GLY C 446 -5.99 0.73 18.70
N ILE C 447 -5.47 1.51 17.75
CA ILE C 447 -4.96 0.92 16.52
C ILE C 447 -3.61 0.23 16.73
N ALA C 448 -3.46 -0.98 16.17
CA ALA C 448 -2.23 -1.75 16.26
C ALA C 448 -1.58 -1.77 14.88
N SER C 449 -0.24 -1.68 14.86
CA SER C 449 0.48 -1.69 13.58
C SER C 449 0.22 -3.00 12.85
N TRP C 450 0.20 -2.94 11.52
CA TRP C 450 -0.03 -4.17 10.76
C TRP C 450 1.06 -5.17 11.13
N GLY C 451 2.22 -4.66 11.52
CA GLY C 451 3.32 -5.52 11.89
C GLY C 451 3.08 -6.26 13.19
N ALA C 452 2.47 -5.61 14.16
CA ALA C 452 2.20 -6.28 15.42
C ALA C 452 1.04 -7.24 15.20
N LEU C 453 0.08 -6.84 14.35
CA LEU C 453 -1.03 -7.74 14.10
C LEU C 453 -0.56 -8.96 13.33
N TRP C 454 0.55 -8.81 12.59
CA TRP C 454 1.05 -9.97 11.86
C TRP C 454 1.74 -10.96 12.81
N GLU C 455 2.55 -10.45 13.72
CA GLU C 455 3.25 -11.32 14.65
C GLU C 455 2.18 -12.20 15.31
N GLY C 456 1.09 -11.57 15.73
CA GLY C 456 0.00 -12.29 16.38
C GLY C 456 -0.54 -13.40 15.51
N TRP C 457 -0.93 -13.07 14.28
CA TRP C 457 -1.46 -14.05 13.35
C TRP C 457 -0.45 -15.17 13.20
N GLU C 458 0.82 -14.81 13.06
CA GLU C 458 1.86 -15.80 12.90
C GLU C 458 1.94 -16.68 14.15
N ALA C 459 1.88 -16.05 15.31
CA ALA C 459 1.94 -16.82 16.56
C ALA C 459 0.74 -17.76 16.67
N LEU C 460 -0.46 -17.19 16.53
CA LEU C 460 -1.66 -17.98 16.63
C LEU C 460 -1.58 -19.20 15.72
N GLN C 461 -1.25 -18.97 14.46
CA GLN C 461 -1.14 -20.08 13.52
C GLN C 461 -0.08 -21.07 13.97
N SER C 462 1.05 -20.57 14.46
CA SER C 462 2.11 -21.47 14.89
C SER C 462 1.56 -22.35 15.98
N LYS C 463 0.91 -21.73 16.95
CA LYS C 463 0.31 -22.45 18.06
C LYS C 463 -0.77 -23.42 17.56
N LEU C 464 -1.46 -23.04 16.49
CA LEU C 464 -2.51 -23.86 15.93
C LEU C 464 -1.95 -25.19 15.46
N ASP C 465 -0.66 -25.22 15.17
CA ASP C 465 -0.02 -26.45 14.72
C ASP C 465 -0.01 -27.47 15.84
N GLY C 466 0.34 -27.00 17.03
CA GLY C 466 0.37 -27.89 18.17
C GLY C 466 -1.04 -28.22 18.62
N PHE C 467 -1.91 -27.23 18.55
CA PHE C 467 -3.29 -27.42 18.96
C PHE C 467 -3.93 -28.49 18.09
N LEU C 468 -3.67 -28.43 16.79
CA LEU C 468 -4.23 -29.41 15.88
C LEU C 468 -3.47 -30.71 15.93
N ALA C 469 -2.22 -30.68 16.38
CA ALA C 469 -1.42 -31.89 16.45
C ALA C 469 -1.93 -32.78 17.58
N ALA C 470 -2.05 -32.19 18.77
CA ALA C 470 -2.54 -32.93 19.93
C ALA C 470 -3.88 -33.54 19.59
N LYS C 471 -4.70 -32.78 18.88
CA LYS C 471 -6.01 -33.25 18.47
C LYS C 471 -5.90 -34.47 17.57
N ASP C 472 -5.10 -34.37 16.51
CA ASP C 472 -4.93 -35.46 15.57
C ASP C 472 -4.49 -36.77 16.24
N LEU C 473 -3.61 -36.66 17.24
CA LEU C 473 -3.13 -37.83 17.96
C LEU C 473 -4.18 -38.42 18.89
N MET C 474 -4.95 -37.56 19.57
CA MET C 474 -5.96 -38.04 20.48
C MET C 474 -7.12 -38.62 19.67
N ALA C 475 -7.30 -38.11 18.45
CA ALA C 475 -8.38 -38.59 17.60
C ALA C 475 -8.06 -39.98 17.06
N GLN C 476 -6.85 -40.47 17.33
CA GLN C 476 -6.46 -41.80 16.88
C GLN C 476 -5.98 -42.60 18.08
N GLY C 477 -6.20 -42.03 19.27
CA GLY C 477 -5.82 -42.70 20.50
C GLY C 477 -4.33 -42.74 20.79
N ILE C 478 -3.83 -41.74 21.51
CA ILE C 478 -2.43 -41.68 21.86
C ILE C 478 -2.24 -40.80 23.09
N LYS C 479 -1.45 -41.27 24.04
CA LYS C 479 -1.20 -40.51 25.27
C LYS C 479 -0.53 -39.17 24.97
N ILE C 480 -1.23 -38.08 25.29
CA ILE C 480 -0.71 -36.74 25.04
C ILE C 480 -0.25 -36.04 26.32
N GLY C 481 -0.14 -36.80 27.41
CA GLY C 481 0.29 -36.24 28.68
C GLY C 481 0.22 -37.27 29.82
#